data_2QQG
#
_entry.id   2QQG
#
_cell.length_a   105.940
_cell.length_b   105.940
_cell.length_c   67.100
_cell.angle_alpha   90.00
_cell.angle_beta   90.00
_cell.angle_gamma   120.00
#
_symmetry.space_group_name_H-M   'P 32 2 1'
#
loop_
_entity.id
_entity.type
_entity.pdbx_description
1 polymer 'NAD-dependent deacetylase HST2'
2 polymer 'Histone H4'
3 non-polymer 'ZINC ION'
4 non-polymer "5'-O-[(S)-{[(S)-{[(2R,3R,4S)-3,4-DIHYDROXYPYRROLIDIN-2-YL]METHOXY}(HYDROXY)PHOSPHORYL]OXY}(HYDROXY)PHOSPHORYL]ADENOSINE"
5 non-polymer NICOTINAMIDE
6 water water
#
loop_
_entity_poly.entity_id
_entity_poly.type
_entity_poly.pdbx_seq_one_letter_code
_entity_poly.pdbx_strand_id
1 'polypeptide(L)'
;MRGSHHHHHHGMASMSVSTASTEMSVRKIAAHMKSNPNAKVIFMVGAGISTSCGIPDFRSPGTGLYHNLARLKLPYPEAV
FDVDFFQSDPLPFYTLAKELYPGNFRPSKFHYLLKLFQDKDVLKRVYTQNIDTLERQAGVKDDLIIEAHGSFAHCHCIGC
GKVYPPQVFKSKLAEHPIKDFVKCDVCGELVKPAIVFFGEDLPDSFSETWLNDSEWLREKITTSGKHPQQPLVIVVGTSL
AVYPFASLPEEIPRKVKRVLCNLETVGDFKANKRPTDLIVHQYSDEFAEQLVEELGWQEDFEKILTAQ
;
A
2 'polypeptide(L)' KGGA(ALY)RHRKIL B
#
# COMPACT_ATOMS: atom_id res chain seq x y z
N MET A 12 2.80 11.47 15.02
CA MET A 12 4.11 11.12 14.38
C MET A 12 5.04 10.39 15.36
N ALA A 13 4.85 10.64 16.66
CA ALA A 13 5.67 10.00 17.69
C ALA A 13 5.38 8.52 17.82
N SER A 14 6.43 7.71 17.95
CA SER A 14 6.23 6.29 18.10
C SER A 14 7.02 5.69 19.24
N MET A 15 6.74 4.44 19.52
CA MET A 15 7.43 3.70 20.56
C MET A 15 7.53 2.28 20.07
N SER A 16 8.38 1.50 20.72
CA SER A 16 8.58 0.12 20.34
C SER A 16 7.38 -0.72 20.75
N VAL A 17 7.15 -1.81 20.02
CA VAL A 17 6.03 -2.69 20.29
C VAL A 17 6.16 -3.50 21.60
N SER A 18 7.40 -3.84 21.98
CA SER A 18 7.62 -4.59 23.21
C SER A 18 8.90 -4.12 23.88
N THR A 19 9.28 -4.75 24.99
CA THR A 19 10.48 -4.33 25.68
C THR A 19 11.73 -4.74 24.88
N ALA A 20 11.59 -5.74 24.03
CA ALA A 20 12.71 -6.19 23.21
C ALA A 20 13.12 -5.09 22.24
N SER A 21 14.41 -4.97 21.98
CA SER A 21 14.91 -3.96 21.06
C SER A 21 15.07 -4.57 19.67
N THR A 22 14.79 -3.79 18.64
CA THR A 22 14.90 -4.25 17.26
C THR A 22 16.01 -3.49 16.55
N GLU A 23 16.71 -2.62 17.28
CA GLU A 23 17.77 -1.82 16.71
C GLU A 23 18.89 -2.64 16.09
N MET A 24 19.23 -3.77 16.70
CA MET A 24 20.30 -4.61 16.18
C MET A 24 19.88 -5.22 14.85
N SER A 25 18.64 -5.69 14.78
CA SER A 25 18.15 -6.28 13.54
C SER A 25 18.10 -5.20 12.46
N VAL A 26 17.59 -4.03 12.84
CA VAL A 26 17.49 -2.92 11.89
C VAL A 26 18.89 -2.50 11.44
N ARG A 27 19.87 -2.68 12.32
CA ARG A 27 21.24 -2.34 12.00
C ARG A 27 21.76 -3.21 10.86
N LYS A 28 21.37 -4.48 10.84
CA LYS A 28 21.79 -5.39 9.78
C LYS A 28 21.39 -4.83 8.42
N ILE A 29 20.18 -4.31 8.33
CA ILE A 29 19.67 -3.73 7.08
C ILE A 29 20.56 -2.57 6.65
N ALA A 30 20.85 -1.66 7.57
CA ALA A 30 21.70 -0.51 7.29
C ALA A 30 23.09 -0.96 6.87
N ALA A 31 23.53 -2.08 7.42
CA ALA A 31 24.86 -2.62 7.12
C ALA A 31 24.88 -3.14 5.69
N HIS A 32 23.80 -3.81 5.30
CA HIS A 32 23.69 -4.35 3.95
C HIS A 32 23.73 -3.19 2.95
N MET A 33 23.01 -2.13 3.26
CA MET A 33 22.98 -0.96 2.37
C MET A 33 24.31 -0.22 2.36
N LYS A 34 25.07 -0.35 3.45
CA LYS A 34 26.37 0.33 3.52
C LYS A 34 27.39 -0.39 2.65
N SER A 35 27.30 -1.71 2.62
CA SER A 35 28.20 -2.54 1.84
C SER A 35 27.86 -2.52 0.36
N ASN A 36 26.62 -2.14 0.05
CA ASN A 36 26.15 -2.07 -1.33
C ASN A 36 25.58 -0.67 -1.59
N PRO A 37 26.45 0.36 -1.56
CA PRO A 37 26.11 1.76 -1.77
C PRO A 37 25.41 2.16 -3.07
N ASN A 38 25.52 1.34 -4.10
CA ASN A 38 24.88 1.65 -5.38
C ASN A 38 23.66 0.77 -5.65
N ALA A 39 23.21 0.08 -4.62
CA ALA A 39 22.04 -0.80 -4.75
C ALA A 39 20.77 -0.03 -4.42
N LYS A 40 19.63 -0.58 -4.82
CA LYS A 40 18.34 0.06 -4.57
C LYS A 40 17.48 -0.93 -3.83
N VAL A 41 16.39 -0.43 -3.25
CA VAL A 41 15.46 -1.26 -2.48
C VAL A 41 14.07 -1.26 -3.10
N ILE A 42 13.39 -2.40 -2.99
CA ILE A 42 12.03 -2.52 -3.47
C ILE A 42 11.13 -2.75 -2.24
N PHE A 43 10.13 -1.90 -2.04
CA PHE A 43 9.23 -2.09 -0.91
C PHE A 43 7.91 -2.69 -1.38
N MET A 44 7.28 -3.46 -0.51
CA MET A 44 5.97 -4.05 -0.78
C MET A 44 5.24 -3.74 0.52
N VAL A 45 4.22 -2.91 0.44
CA VAL A 45 3.51 -2.47 1.63
C VAL A 45 2.00 -2.65 1.65
N GLY A 46 1.44 -2.66 2.87
CA GLY A 46 0.02 -2.82 3.09
C GLY A 46 -0.56 -1.83 4.11
N ALA A 47 -1.79 -2.11 4.55
CA ALA A 47 -2.50 -1.23 5.48
C ALA A 47 -1.75 -0.84 6.74
N GLY A 48 -0.83 -1.70 7.19
CA GLY A 48 -0.08 -1.40 8.39
C GLY A 48 0.69 -0.09 8.40
N ILE A 49 1.17 0.36 7.23
CA ILE A 49 1.94 1.61 7.18
C ILE A 49 1.12 2.89 7.25
N SER A 50 -0.20 2.77 7.18
CA SER A 50 -1.08 3.94 7.26
C SER A 50 -1.95 3.94 8.52
N THR A 51 -1.78 2.96 9.39
CA THR A 51 -2.59 2.92 10.61
C THR A 51 -2.37 4.14 11.47
N SER A 52 -1.11 4.56 11.61
CA SER A 52 -0.79 5.73 12.43
C SER A 52 -1.34 7.02 11.83
N CYS A 53 -1.84 6.96 10.61
CA CYS A 53 -2.38 8.18 9.98
C CYS A 53 -3.81 8.42 10.44
N GLY A 54 -4.36 7.46 11.18
CA GLY A 54 -5.71 7.63 11.66
C GLY A 54 -6.76 7.17 10.67
N ILE A 55 -6.35 6.43 9.64
CA ILE A 55 -7.32 5.93 8.68
C ILE A 55 -8.13 4.82 9.35
N PRO A 56 -9.46 4.99 9.38
CA PRO A 56 -10.33 3.98 10.01
C PRO A 56 -10.46 2.67 9.22
N ASP A 57 -10.32 1.57 9.94
CA ASP A 57 -10.43 0.22 9.37
C ASP A 57 -11.93 -0.09 9.23
N PHE A 58 -12.42 -0.21 7.99
CA PHE A 58 -13.83 -0.50 7.73
C PHE A 58 -14.30 -1.85 8.30
N ARG A 59 -13.36 -2.73 8.63
CA ARG A 59 -13.70 -4.05 9.19
C ARG A 59 -13.71 -4.02 10.71
N SER A 60 -13.35 -2.89 11.30
CA SER A 60 -13.32 -2.80 12.75
C SER A 60 -14.50 -2.14 13.45
N PRO A 61 -15.21 -2.87 14.34
CA PRO A 61 -16.34 -2.24 15.02
C PRO A 61 -15.69 -1.11 15.82
N GLY A 62 -16.47 -0.22 16.41
CA GLY A 62 -15.78 0.83 17.14
C GLY A 62 -15.17 1.88 16.22
N THR A 63 -15.39 1.72 14.91
CA THR A 63 -14.96 2.70 13.94
C THR A 63 -16.32 3.30 13.50
N GLY A 64 -16.41 4.61 13.30
CA GLY A 64 -17.67 5.20 12.88
C GLY A 64 -18.08 4.68 11.51
N LEU A 65 -17.08 4.43 10.66
CA LEU A 65 -17.31 3.91 9.32
C LEU A 65 -18.01 2.55 9.35
N TYR A 66 -17.50 1.64 10.19
CA TYR A 66 -18.07 0.30 10.30
C TYR A 66 -19.55 0.37 10.64
N HIS A 67 -19.90 1.16 11.64
CA HIS A 67 -21.30 1.26 12.04
C HIS A 67 -22.21 1.95 11.03
N ASN A 68 -21.66 2.86 10.24
CA ASN A 68 -22.48 3.51 9.22
C ASN A 68 -22.79 2.48 8.14
N LEU A 69 -21.78 1.69 7.77
CA LEU A 69 -21.95 0.66 6.75
C LEU A 69 -22.94 -0.42 7.26
N ALA A 70 -22.87 -0.74 8.55
CA ALA A 70 -23.78 -1.73 9.11
C ALA A 70 -25.20 -1.17 9.08
N ARG A 71 -25.36 0.09 9.48
CA ARG A 71 -26.67 0.73 9.48
C ARG A 71 -27.25 0.71 8.06
N LEU A 72 -26.39 0.80 7.06
CA LEU A 72 -26.82 0.81 5.67
C LEU A 72 -27.11 -0.57 5.11
N LYS A 73 -27.06 -1.58 5.97
CA LYS A 73 -27.34 -2.96 5.57
C LYS A 73 -26.24 -3.67 4.80
N LEU A 74 -25.02 -3.17 4.84
CA LEU A 74 -23.94 -3.88 4.16
C LEU A 74 -23.93 -5.23 4.88
N PRO A 75 -23.92 -6.35 4.14
CA PRO A 75 -23.92 -7.70 4.74
C PRO A 75 -22.65 -8.10 5.50
N TYR A 76 -21.51 -7.59 5.05
CA TYR A 76 -20.21 -7.86 5.67
C TYR A 76 -19.25 -6.84 5.06
N PRO A 77 -18.24 -6.40 5.82
CA PRO A 77 -17.27 -5.41 5.38
C PRO A 77 -16.81 -5.44 3.93
N GLU A 78 -16.27 -6.56 3.48
CA GLU A 78 -15.76 -6.62 2.12
C GLU A 78 -16.75 -6.54 0.98
N ALA A 79 -18.03 -6.52 1.29
CA ALA A 79 -19.06 -6.40 0.25
C ALA A 79 -18.99 -4.97 -0.31
N VAL A 80 -18.30 -4.09 0.41
CA VAL A 80 -18.19 -2.69 -0.01
C VAL A 80 -17.28 -2.62 -1.25
N PHE A 81 -16.45 -3.64 -1.40
CA PHE A 81 -15.53 -3.74 -2.53
C PHE A 81 -15.92 -4.90 -3.42
N ASP A 82 -17.22 -5.15 -3.57
CA ASP A 82 -17.71 -6.24 -4.41
C ASP A 82 -18.52 -5.65 -5.58
N VAL A 83 -18.15 -6.01 -6.80
CA VAL A 83 -18.84 -5.48 -7.97
C VAL A 83 -20.35 -5.70 -7.97
N ASP A 84 -20.76 -6.95 -7.78
CA ASP A 84 -22.17 -7.30 -7.76
C ASP A 84 -22.93 -6.47 -6.73
N PHE A 85 -22.38 -6.36 -5.53
CA PHE A 85 -23.07 -5.59 -4.50
C PHE A 85 -23.18 -4.11 -4.90
N PHE A 86 -22.06 -3.51 -5.28
CA PHE A 86 -22.05 -2.10 -5.68
C PHE A 86 -23.17 -1.80 -6.70
N GLN A 87 -23.27 -2.62 -7.75
CA GLN A 87 -24.28 -2.35 -8.76
C GLN A 87 -25.69 -2.46 -8.21
N SER A 88 -25.90 -3.29 -7.20
CA SER A 88 -27.23 -3.43 -6.61
C SER A 88 -27.51 -2.32 -5.59
N ASP A 89 -26.45 -1.77 -4.99
CA ASP A 89 -26.60 -0.70 -3.99
C ASP A 89 -25.24 0.00 -3.81
N PRO A 90 -25.04 1.13 -4.49
CA PRO A 90 -23.76 1.85 -4.38
C PRO A 90 -23.55 2.75 -3.17
N LEU A 91 -24.59 2.98 -2.39
CA LEU A 91 -24.49 3.87 -1.23
C LEU A 91 -23.40 3.54 -0.22
N PRO A 92 -23.27 2.26 0.17
CA PRO A 92 -22.21 1.92 1.14
C PRO A 92 -20.82 2.31 0.62
N PHE A 93 -20.54 2.02 -0.66
CA PHE A 93 -19.24 2.38 -1.24
C PHE A 93 -19.08 3.90 -1.23
N TYR A 94 -20.12 4.62 -1.63
CA TYR A 94 -20.06 6.07 -1.65
C TYR A 94 -19.79 6.61 -0.25
N THR A 95 -20.40 5.98 0.75
CA THR A 95 -20.23 6.37 2.15
C THR A 95 -18.77 6.14 2.60
N LEU A 96 -18.20 5.01 2.20
CA LEU A 96 -16.82 4.72 2.54
C LEU A 96 -15.90 5.70 1.81
N ALA A 97 -16.21 6.01 0.56
CA ALA A 97 -15.38 6.93 -0.21
C ALA A 97 -15.34 8.31 0.43
N LYS A 98 -16.49 8.75 0.95
CA LYS A 98 -16.56 10.06 1.56
C LYS A 98 -15.57 10.14 2.72
N GLU A 99 -15.52 9.08 3.51
CA GLU A 99 -14.63 9.07 4.66
C GLU A 99 -13.17 8.79 4.31
N LEU A 100 -12.92 7.98 3.29
CA LEU A 100 -11.56 7.64 2.92
C LEU A 100 -10.93 8.39 1.76
N TYR A 101 -11.66 9.34 1.18
CA TYR A 101 -11.12 10.06 0.02
C TYR A 101 -9.75 10.69 0.27
N PRO A 102 -8.82 10.54 -0.68
CA PRO A 102 -7.46 11.10 -0.55
C PRO A 102 -7.55 12.59 -0.26
N GLY A 103 -6.71 13.06 0.66
CA GLY A 103 -6.74 14.46 1.03
C GLY A 103 -7.29 14.61 2.45
N ASN A 104 -7.92 13.55 2.96
CA ASN A 104 -8.47 13.60 4.31
C ASN A 104 -7.45 13.24 5.37
N PHE A 105 -6.29 12.72 4.97
CA PHE A 105 -5.25 12.32 5.91
C PHE A 105 -3.87 12.83 5.49
N ARG A 106 -2.88 12.63 6.36
CA ARG A 106 -1.52 13.06 6.09
C ARG A 106 -0.59 11.85 6.17
N PRO A 107 0.48 11.86 5.37
CA PRO A 107 1.43 10.72 5.38
C PRO A 107 2.11 10.49 6.73
N SER A 108 2.45 9.23 6.99
CA SER A 108 3.13 8.85 8.21
C SER A 108 4.65 9.03 8.06
N LYS A 109 5.35 8.80 9.16
CA LYS A 109 6.80 8.89 9.18
C LYS A 109 7.35 7.85 8.19
N PHE A 110 6.71 6.69 8.11
CA PHE A 110 7.17 5.66 7.18
C PHE A 110 6.97 6.09 5.74
N HIS A 111 5.86 6.75 5.43
CA HIS A 111 5.65 7.24 4.07
C HIS A 111 6.77 8.21 3.70
N TYR A 112 7.17 9.07 4.64
CA TYR A 112 8.24 10.02 4.34
C TYR A 112 9.59 9.31 4.18
N LEU A 113 9.73 8.12 4.76
CA LEU A 113 10.96 7.36 4.63
C LEU A 113 11.13 6.99 3.15
N LEU A 114 10.02 6.59 2.53
CA LEU A 114 10.04 6.23 1.12
C LEU A 114 10.58 7.42 0.34
N LYS A 115 10.11 8.63 0.70
CA LYS A 115 10.55 9.87 0.06
C LYS A 115 12.05 10.09 0.25
N LEU A 116 12.54 9.80 1.45
CA LEU A 116 13.97 9.96 1.75
C LEU A 116 14.78 9.05 0.82
N PHE A 117 14.37 7.79 0.74
CA PHE A 117 15.06 6.81 -0.11
C PHE A 117 15.09 7.28 -1.56
N GLN A 118 14.00 7.87 -2.01
CA GLN A 118 13.92 8.38 -3.37
C GLN A 118 14.93 9.51 -3.51
N ASP A 119 14.94 10.41 -2.53
CA ASP A 119 15.87 11.52 -2.53
C ASP A 119 17.30 10.99 -2.57
N LYS A 120 17.54 9.85 -1.92
CA LYS A 120 18.87 9.24 -1.87
C LYS A 120 19.12 8.31 -3.04
N ASP A 121 18.18 8.28 -3.99
CA ASP A 121 18.28 7.44 -5.16
C ASP A 121 18.45 5.95 -4.85
N VAL A 122 17.95 5.50 -3.69
CA VAL A 122 18.04 4.09 -3.35
C VAL A 122 16.67 3.40 -3.42
N LEU A 123 15.71 4.06 -4.06
CA LEU A 123 14.36 3.49 -4.19
C LEU A 123 14.14 2.97 -5.61
N LYS A 124 13.98 1.66 -5.73
CA LYS A 124 13.74 1.07 -7.03
C LYS A 124 12.24 1.09 -7.34
N ARG A 125 11.42 0.73 -6.35
CA ARG A 125 9.99 0.69 -6.56
C ARG A 125 9.25 0.45 -5.25
N VAL A 126 8.01 0.92 -5.17
CA VAL A 126 7.20 0.63 -4.00
C VAL A 126 5.88 0.08 -4.50
N TYR A 127 5.62 -1.17 -4.15
CA TYR A 127 4.38 -1.87 -4.52
C TYR A 127 3.44 -1.73 -3.33
N THR A 128 2.31 -1.09 -3.52
CA THR A 128 1.39 -0.92 -2.40
C THR A 128 -0.01 -1.47 -2.65
N GLN A 129 -0.57 -2.08 -1.61
CA GLN A 129 -1.92 -2.64 -1.69
C GLN A 129 -2.93 -1.59 -1.24
N ASN A 130 -2.43 -0.48 -0.68
CA ASN A 130 -3.30 0.58 -0.16
C ASN A 130 -3.91 1.46 -1.23
N ILE A 131 -5.09 1.99 -0.94
CA ILE A 131 -5.77 2.89 -1.86
C ILE A 131 -5.78 4.31 -1.33
N ASP A 132 -5.04 4.57 -0.25
CA ASP A 132 -5.02 5.92 0.32
C ASP A 132 -4.12 6.88 -0.47
N THR A 133 -3.24 6.34 -1.31
CA THR A 133 -2.26 7.09 -2.12
C THR A 133 -1.37 8.04 -1.30
N LEU A 134 -1.11 7.68 -0.05
CA LEU A 134 -0.24 8.48 0.82
C LEU A 134 1.24 8.48 0.37
N GLU A 135 1.64 7.48 -0.42
CA GLU A 135 3.02 7.42 -0.93
C GLU A 135 3.19 8.58 -1.92
N ARG A 136 2.23 8.68 -2.83
CA ARG A 136 2.23 9.73 -3.84
C ARG A 136 2.05 11.10 -3.18
N GLN A 137 1.13 11.16 -2.21
CA GLN A 137 0.86 12.42 -1.53
C GLN A 137 2.10 12.91 -0.78
N ALA A 138 2.94 11.95 -0.39
CA ALA A 138 4.16 12.24 0.34
C ALA A 138 5.31 12.66 -0.60
N GLY A 139 5.10 12.57 -1.91
CA GLY A 139 6.13 12.98 -2.84
C GLY A 139 6.88 11.90 -3.58
N VAL A 140 6.46 10.64 -3.45
CA VAL A 140 7.11 9.57 -4.19
C VAL A 140 6.67 9.74 -5.64
N LYS A 141 7.63 9.68 -6.56
CA LYS A 141 7.33 9.86 -7.97
C LYS A 141 6.43 8.79 -8.59
N ASP A 142 5.62 9.21 -9.55
CA ASP A 142 4.71 8.31 -10.23
C ASP A 142 5.39 7.07 -10.81
N ASP A 143 6.59 7.26 -11.37
CA ASP A 143 7.36 6.18 -11.97
C ASP A 143 7.76 5.08 -10.97
N LEU A 144 7.96 5.46 -9.72
CA LEU A 144 8.36 4.52 -8.69
C LEU A 144 7.22 3.85 -7.92
N ILE A 145 5.98 4.23 -8.20
CA ILE A 145 4.85 3.66 -7.48
C ILE A 145 3.98 2.69 -8.27
N ILE A 146 3.60 1.61 -7.61
CA ILE A 146 2.70 0.65 -8.23
C ILE A 146 1.54 0.46 -7.26
N GLU A 147 0.43 1.11 -7.56
CA GLU A 147 -0.78 1.03 -6.74
C GLU A 147 -1.53 -0.19 -7.25
N ALA A 148 -1.16 -1.34 -6.70
CA ALA A 148 -1.73 -2.62 -7.12
C ALA A 148 -3.25 -2.73 -7.07
N HIS A 149 -3.88 -2.00 -6.15
CA HIS A 149 -5.34 -2.05 -6.06
C HIS A 149 -6.04 -0.79 -6.53
N GLY A 150 -5.38 -0.02 -7.39
CA GLY A 150 -5.98 1.17 -7.93
C GLY A 150 -6.03 2.34 -6.95
N SER A 151 -6.83 3.35 -7.27
CA SER A 151 -6.96 4.54 -6.44
C SER A 151 -8.18 5.32 -6.92
N PHE A 152 -8.48 6.42 -6.24
CA PHE A 152 -9.60 7.27 -6.61
C PHE A 152 -9.23 8.30 -7.66
N ALA A 153 -7.97 8.30 -8.09
CA ALA A 153 -7.49 9.28 -9.06
C ALA A 153 -8.03 9.13 -10.49
N HIS A 154 -8.68 8.01 -10.78
CA HIS A 154 -9.27 7.79 -12.09
C HIS A 154 -10.64 7.15 -11.92
N CYS A 155 -11.54 7.39 -12.88
CA CYS A 155 -12.90 6.84 -12.85
C CYS A 155 -13.30 6.37 -14.24
N HIS A 156 -14.13 5.33 -14.29
CA HIS A 156 -14.57 4.80 -15.57
C HIS A 156 -15.91 4.10 -15.38
N CYS A 157 -16.66 4.02 -16.47
CA CYS A 157 -17.95 3.37 -16.45
C CYS A 157 -17.72 1.86 -16.35
N ILE A 158 -18.41 1.19 -15.42
CA ILE A 158 -18.23 -0.25 -15.26
C ILE A 158 -18.78 -1.07 -16.41
N GLY A 159 -19.64 -0.45 -17.23
CA GLY A 159 -20.22 -1.15 -18.36
C GLY A 159 -19.52 -1.00 -19.70
N CYS A 160 -19.21 0.24 -20.10
CA CYS A 160 -18.56 0.47 -21.38
C CYS A 160 -17.11 0.93 -21.28
N GLY A 161 -16.68 1.22 -20.05
CA GLY A 161 -15.32 1.66 -19.83
C GLY A 161 -15.01 3.12 -20.16
N LYS A 162 -16.03 3.91 -20.49
CA LYS A 162 -15.78 5.32 -20.81
C LYS A 162 -15.09 5.98 -19.63
N VAL A 163 -14.11 6.83 -19.91
CA VAL A 163 -13.34 7.55 -18.89
C VAL A 163 -14.06 8.79 -18.38
N TYR A 164 -13.97 9.00 -17.07
CA TYR A 164 -14.56 10.15 -16.40
C TYR A 164 -13.55 10.80 -15.46
N PRO A 165 -13.57 12.14 -15.35
CA PRO A 165 -12.62 12.83 -14.46
C PRO A 165 -13.00 12.44 -13.04
N PRO A 166 -12.01 12.28 -12.15
CA PRO A 166 -12.32 11.90 -10.76
C PRO A 166 -13.19 12.90 -10.01
N GLN A 167 -13.19 14.15 -10.44
CA GLN A 167 -13.98 15.17 -9.77
C GLN A 167 -15.51 14.98 -9.83
N VAL A 168 -16.01 14.31 -10.87
CA VAL A 168 -17.45 14.09 -10.99
C VAL A 168 -17.92 13.23 -9.81
N PHE A 169 -17.19 12.15 -9.55
CA PHE A 169 -17.50 11.26 -8.44
C PHE A 169 -17.35 12.03 -7.12
N LYS A 170 -16.21 12.69 -6.95
CA LYS A 170 -15.97 13.42 -5.72
C LYS A 170 -17.04 14.45 -5.33
N SER A 171 -17.58 15.17 -6.31
CA SER A 171 -18.60 16.17 -6.00
C SER A 171 -19.85 15.55 -5.37
N LYS A 172 -20.17 14.31 -5.75
CA LYS A 172 -21.34 13.64 -5.17
C LYS A 172 -21.21 13.35 -3.68
N LEU A 173 -19.97 13.21 -3.21
CA LEU A 173 -19.72 12.89 -1.82
C LEU A 173 -20.02 14.02 -0.83
N ALA A 174 -20.07 15.25 -1.31
CA ALA A 174 -20.34 16.38 -0.43
C ALA A 174 -21.83 16.69 -0.25
N GLU A 175 -22.70 15.89 -0.87
CA GLU A 175 -24.14 16.13 -0.77
C GLU A 175 -24.80 15.45 0.42
N HIS A 176 -25.80 16.12 0.99
CA HIS A 176 -26.54 15.60 2.14
C HIS A 176 -28.04 15.54 1.85
N PRO A 177 -28.58 14.33 1.69
CA PRO A 177 -27.84 13.06 1.76
C PRO A 177 -27.21 12.71 0.42
N ILE A 178 -26.38 11.67 0.40
CA ILE A 178 -25.76 11.24 -0.86
C ILE A 178 -26.81 10.47 -1.65
N LYS A 179 -27.12 10.96 -2.85
CA LYS A 179 -28.10 10.32 -3.72
C LYS A 179 -27.78 10.61 -5.19
N ASP A 180 -28.55 10.01 -6.09
CA ASP A 180 -28.32 10.24 -7.51
C ASP A 180 -26.84 10.02 -7.79
N PHE A 181 -26.45 8.75 -7.89
CA PHE A 181 -25.07 8.37 -8.15
C PHE A 181 -24.68 8.57 -9.60
N VAL A 182 -23.38 8.75 -9.84
CA VAL A 182 -22.90 8.98 -11.20
C VAL A 182 -23.19 7.84 -12.16
N LYS A 183 -23.89 8.18 -13.25
CA LYS A 183 -24.23 7.21 -14.28
C LYS A 183 -23.60 7.66 -15.61
N CYS A 184 -23.13 6.69 -16.39
CA CYS A 184 -22.50 6.95 -17.68
C CYS A 184 -23.45 7.55 -18.73
N ASP A 185 -23.04 8.66 -19.36
CA ASP A 185 -23.88 9.29 -20.37
C ASP A 185 -23.86 8.59 -21.73
N VAL A 186 -23.26 7.41 -21.77
CA VAL A 186 -23.21 6.61 -22.98
C VAL A 186 -24.06 5.34 -22.82
N CYS A 187 -23.78 4.55 -21.79
CA CYS A 187 -24.52 3.30 -21.61
C CYS A 187 -25.44 3.25 -20.38
N GLY A 188 -25.38 4.28 -19.53
CA GLY A 188 -26.24 4.32 -18.36
C GLY A 188 -25.84 3.52 -17.11
N GLU A 189 -24.71 2.81 -17.15
CA GLU A 189 -24.26 2.02 -16.00
C GLU A 189 -23.55 2.89 -14.97
N LEU A 190 -23.29 2.35 -13.79
CA LEU A 190 -22.62 3.12 -12.75
C LEU A 190 -21.16 3.39 -13.09
N VAL A 191 -20.69 4.58 -12.74
CA VAL A 191 -19.31 4.97 -12.95
C VAL A 191 -18.67 4.83 -11.57
N LYS A 192 -17.47 4.24 -11.51
CA LYS A 192 -16.80 4.11 -10.22
C LYS A 192 -15.30 4.41 -10.30
N PRO A 193 -14.68 4.76 -9.17
CA PRO A 193 -13.26 5.07 -9.06
C PRO A 193 -12.48 3.83 -9.50
N ALA A 194 -11.28 4.03 -10.01
CA ALA A 194 -10.44 2.92 -10.47
C ALA A 194 -9.83 2.09 -9.34
N ILE A 195 -10.67 1.70 -8.39
CA ILE A 195 -10.25 0.85 -7.28
C ILE A 195 -10.54 -0.60 -7.68
N VAL A 196 -9.56 -1.48 -7.49
CA VAL A 196 -9.73 -2.89 -7.82
C VAL A 196 -10.64 -3.53 -6.77
N PHE A 197 -11.79 -4.05 -7.20
CA PHE A 197 -12.71 -4.70 -6.26
C PHE A 197 -12.39 -6.20 -6.23
N PHE A 198 -12.84 -6.89 -5.19
CA PHE A 198 -12.62 -8.32 -5.10
C PHE A 198 -13.31 -8.94 -6.31
N GLY A 199 -12.59 -9.81 -6.99
CA GLY A 199 -13.14 -10.47 -8.16
C GLY A 199 -12.65 -9.84 -9.47
N GLU A 200 -11.96 -8.70 -9.38
CA GLU A 200 -11.45 -8.04 -10.58
C GLU A 200 -9.95 -8.23 -10.74
N ASP A 201 -9.47 -8.11 -11.98
CA ASP A 201 -8.05 -8.23 -12.25
C ASP A 201 -7.37 -6.92 -11.87
N LEU A 202 -6.10 -6.98 -11.50
CA LEU A 202 -5.35 -5.78 -11.15
C LEU A 202 -4.95 -5.08 -12.45
N PRO A 203 -4.46 -3.83 -12.38
CA PRO A 203 -4.08 -3.17 -13.62
C PRO A 203 -2.83 -3.81 -14.26
N ASP A 204 -2.79 -3.80 -15.59
CA ASP A 204 -1.67 -4.38 -16.33
C ASP A 204 -0.30 -3.96 -15.81
N SER A 205 -0.18 -2.71 -15.39
CA SER A 205 1.09 -2.22 -14.90
C SER A 205 1.63 -3.04 -13.72
N PHE A 206 0.76 -3.69 -12.96
CA PHE A 206 1.20 -4.51 -11.82
C PHE A 206 2.10 -5.66 -12.31
N SER A 207 1.53 -6.60 -13.04
CA SER A 207 2.29 -7.73 -13.57
C SER A 207 3.45 -7.29 -14.47
N GLU A 208 3.21 -6.30 -15.32
CA GLU A 208 4.23 -5.82 -16.23
C GLU A 208 5.48 -5.33 -15.50
N THR A 209 5.29 -4.46 -14.51
CA THR A 209 6.40 -3.90 -13.74
C THR A 209 7.09 -4.96 -12.88
N TRP A 210 6.33 -5.91 -12.34
CA TRP A 210 6.92 -6.94 -11.52
C TRP A 210 7.73 -7.86 -12.44
N LEU A 211 7.24 -8.04 -13.66
CA LEU A 211 7.97 -8.85 -14.63
C LEU A 211 9.34 -8.20 -14.82
N ASN A 212 9.34 -6.89 -15.05
CA ASN A 212 10.60 -6.16 -15.25
C ASN A 212 11.47 -6.07 -14.00
N ASP A 213 10.85 -5.94 -12.83
CA ASP A 213 11.62 -5.85 -11.59
C ASP A 213 12.15 -7.22 -11.18
N SER A 214 11.45 -8.28 -11.58
CA SER A 214 11.90 -9.64 -11.28
C SER A 214 13.21 -9.93 -12.04
N GLU A 215 13.27 -9.48 -13.29
CA GLU A 215 14.48 -9.68 -14.08
C GLU A 215 15.60 -8.81 -13.52
N TRP A 216 15.23 -7.59 -13.14
CA TRP A 216 16.20 -6.65 -12.56
C TRP A 216 16.84 -7.25 -11.30
N LEU A 217 16.02 -7.93 -10.51
CA LEU A 217 16.48 -8.54 -9.27
C LEU A 217 17.45 -9.68 -9.56
N ARG A 218 17.03 -10.61 -10.41
CA ARG A 218 17.86 -11.76 -10.77
C ARG A 218 19.19 -11.35 -11.40
N GLU A 219 19.19 -10.27 -12.16
CA GLU A 219 20.42 -9.83 -12.82
C GLU A 219 21.39 -9.10 -11.91
N LYS A 220 20.90 -8.54 -10.80
CA LYS A 220 21.78 -7.83 -9.87
C LYS A 220 22.56 -8.85 -9.02
N ILE A 221 22.00 -10.05 -8.91
CA ILE A 221 22.63 -11.11 -8.13
C ILE A 221 23.97 -11.49 -8.75
N THR A 222 24.14 -11.13 -10.01
CA THR A 222 25.37 -11.42 -10.73
C THR A 222 25.98 -10.14 -11.33
N THR A 223 26.69 -9.38 -10.49
CA THR A 223 27.32 -8.14 -10.94
C THR A 223 28.69 -8.42 -11.54
N GLN A 229 24.96 -2.64 -6.36
CA GLN A 229 25.27 -3.99 -5.91
C GLN A 229 24.02 -4.80 -5.55
N GLN A 230 24.16 -5.67 -4.55
CA GLN A 230 23.06 -6.53 -4.12
C GLN A 230 21.81 -5.75 -3.71
N PRO A 231 20.65 -6.12 -4.28
CA PRO A 231 19.40 -5.42 -3.95
C PRO A 231 18.82 -5.89 -2.62
N LEU A 232 17.67 -5.32 -2.28
CA LEU A 232 17.00 -5.66 -1.04
C LEU A 232 15.50 -5.45 -1.22
N VAL A 233 14.71 -6.43 -0.78
CA VAL A 233 13.27 -6.30 -0.86
C VAL A 233 12.75 -6.28 0.58
N ILE A 234 12.06 -5.20 0.93
CA ILE A 234 11.52 -5.03 2.28
C ILE A 234 10.00 -5.02 2.28
N VAL A 235 9.41 -5.96 3.01
CA VAL A 235 7.95 -6.09 3.10
C VAL A 235 7.47 -5.49 4.42
N VAL A 236 6.58 -4.51 4.35
CA VAL A 236 6.08 -3.81 5.55
C VAL A 236 4.57 -3.64 5.71
N GLY A 237 4.08 -3.95 6.90
CA GLY A 237 2.68 -3.77 7.22
C GLY A 237 1.64 -4.42 6.34
N THR A 238 1.82 -5.69 6.01
CA THR A 238 0.83 -6.38 5.19
C THR A 238 0.63 -7.79 5.76
N SER A 239 -0.60 -8.27 5.71
CA SER A 239 -0.87 -9.60 6.23
C SER A 239 -0.67 -10.64 5.12
N LEU A 240 -0.30 -10.17 3.94
CA LEU A 240 -0.08 -11.06 2.80
C LEU A 240 -1.23 -12.06 2.71
N ALA A 241 -2.45 -11.55 2.77
CA ALA A 241 -3.65 -12.39 2.71
C ALA A 241 -4.51 -12.14 1.47
N VAL A 242 -4.09 -11.19 0.64
CA VAL A 242 -4.84 -10.89 -0.57
C VAL A 242 -4.00 -11.16 -1.81
N TYR A 243 -4.53 -11.99 -2.69
CA TYR A 243 -3.84 -12.33 -3.93
C TYR A 243 -4.46 -11.57 -5.09
N PRO A 244 -3.71 -11.41 -6.18
CA PRO A 244 -2.34 -11.92 -6.39
C PRO A 244 -1.18 -11.16 -5.75
N PHE A 245 -1.47 -10.01 -5.12
CA PHE A 245 -0.40 -9.23 -4.50
C PHE A 245 0.46 -10.06 -3.55
N ALA A 246 -0.17 -10.94 -2.78
CA ALA A 246 0.53 -11.77 -1.80
C ALA A 246 1.51 -12.79 -2.42
N SER A 247 1.50 -12.93 -3.74
CA SER A 247 2.40 -13.88 -4.39
C SER A 247 3.80 -13.30 -4.60
N LEU A 248 3.91 -11.98 -4.56
CA LEU A 248 5.21 -11.35 -4.77
C LEU A 248 6.37 -11.85 -3.91
N PRO A 249 6.18 -11.90 -2.58
CA PRO A 249 7.25 -12.36 -1.69
C PRO A 249 7.88 -13.72 -2.05
N GLU A 250 7.05 -14.71 -2.34
CA GLU A 250 7.55 -16.04 -2.69
C GLU A 250 8.30 -16.00 -4.03
N GLU A 251 7.97 -15.02 -4.86
CA GLU A 251 8.59 -14.87 -6.17
C GLU A 251 9.88 -14.07 -6.14
N ILE A 252 10.29 -13.61 -4.97
CA ILE A 252 11.55 -12.88 -4.87
C ILE A 252 12.66 -13.93 -5.05
N PRO A 253 13.74 -13.59 -5.76
CA PRO A 253 14.84 -14.55 -5.95
C PRO A 253 15.41 -15.08 -4.64
N ARG A 254 15.61 -16.39 -4.59
CA ARG A 254 16.17 -17.07 -3.44
C ARG A 254 17.43 -16.37 -2.93
N LYS A 255 18.25 -15.87 -3.87
CA LYS A 255 19.49 -15.18 -3.53
C LYS A 255 19.37 -13.70 -3.22
N VAL A 256 18.14 -13.18 -3.15
CA VAL A 256 17.94 -11.76 -2.82
C VAL A 256 17.39 -11.73 -1.40
N LYS A 257 18.06 -10.98 -0.53
CA LYS A 257 17.65 -10.88 0.87
C LYS A 257 16.25 -10.30 1.06
N ARG A 258 15.41 -11.03 1.77
CA ARG A 258 14.04 -10.60 2.07
C ARG A 258 13.95 -10.11 3.50
N VAL A 259 13.34 -8.94 3.69
CA VAL A 259 13.15 -8.37 5.02
C VAL A 259 11.64 -8.20 5.26
N LEU A 260 11.20 -8.51 6.48
CA LEU A 260 9.80 -8.36 6.82
C LEU A 260 9.64 -7.58 8.10
N CYS A 261 9.02 -6.41 7.99
CA CYS A 261 8.76 -5.58 9.16
C CYS A 261 7.24 -5.64 9.34
N ASN A 262 6.80 -6.44 10.31
CA ASN A 262 5.38 -6.63 10.59
C ASN A 262 5.23 -7.08 12.04
N LEU A 263 4.12 -6.72 12.67
CA LEU A 263 3.90 -7.11 14.06
C LEU A 263 3.92 -8.63 14.22
N GLU A 264 3.55 -9.35 13.17
CA GLU A 264 3.55 -10.81 13.18
C GLU A 264 4.14 -11.38 11.90
N THR A 265 4.75 -12.56 12.01
CA THR A 265 5.32 -13.24 10.85
C THR A 265 4.16 -13.79 10.03
N VAL A 266 4.13 -13.46 8.74
CA VAL A 266 3.03 -13.92 7.90
C VAL A 266 3.48 -14.38 6.52
N GLY A 267 2.52 -14.93 5.78
CA GLY A 267 2.77 -15.37 4.42
C GLY A 267 3.95 -16.28 4.21
N ASP A 268 4.67 -16.06 3.11
CA ASP A 268 5.81 -16.89 2.77
C ASP A 268 6.89 -16.89 3.83
N PHE A 269 6.97 -15.83 4.63
CA PHE A 269 7.97 -15.76 5.68
C PHE A 269 7.64 -16.74 6.79
N LYS A 270 6.37 -17.15 6.83
CA LYS A 270 5.92 -18.10 7.85
C LYS A 270 5.83 -19.49 7.24
N ALA A 271 5.28 -19.55 6.02
CA ALA A 271 5.11 -20.81 5.31
C ALA A 271 6.42 -21.43 4.81
N ASN A 272 7.33 -20.59 4.33
CA ASN A 272 8.61 -21.06 3.78
C ASN A 272 9.77 -20.14 4.12
N LYS A 273 10.09 -20.04 5.40
CA LYS A 273 11.19 -19.18 5.84
C LYS A 273 12.47 -19.51 5.07
N ARG A 274 13.33 -18.52 4.91
CA ARG A 274 14.60 -18.68 4.21
C ARG A 274 15.73 -18.27 5.14
N PRO A 275 16.83 -19.04 5.15
CA PRO A 275 17.99 -18.75 5.99
C PRO A 275 18.37 -17.29 6.08
N THR A 276 18.31 -16.60 4.93
CA THR A 276 18.69 -15.18 4.91
C THR A 276 17.54 -14.22 5.23
N ASP A 277 16.35 -14.74 5.49
CA ASP A 277 15.23 -13.89 5.84
C ASP A 277 15.47 -13.11 7.11
N LEU A 278 15.20 -11.81 7.09
CA LEU A 278 15.36 -10.98 8.28
C LEU A 278 13.97 -10.52 8.75
N ILE A 279 13.53 -11.03 9.89
CA ILE A 279 12.22 -10.69 10.42
C ILE A 279 12.30 -9.69 11.56
N VAL A 280 11.59 -8.58 11.42
CA VAL A 280 11.58 -7.53 12.42
C VAL A 280 10.15 -7.23 12.91
N HIS A 281 9.86 -7.60 14.14
CA HIS A 281 8.53 -7.34 14.71
C HIS A 281 8.55 -5.93 15.28
N GLN A 282 8.04 -4.98 14.50
CA GLN A 282 8.05 -3.59 14.92
C GLN A 282 7.02 -2.76 14.16
N TYR A 283 6.58 -1.65 14.75
CA TYR A 283 5.64 -0.74 14.12
C TYR A 283 6.39 -0.11 12.96
N SER A 284 5.72 0.03 11.82
CA SER A 284 6.36 0.63 10.65
C SER A 284 6.99 2.00 10.94
N ASP A 285 6.36 2.83 11.78
CA ASP A 285 6.92 4.15 12.09
C ASP A 285 8.17 4.08 12.99
N GLU A 286 8.17 3.14 13.92
CA GLU A 286 9.31 2.98 14.82
C GLU A 286 10.48 2.45 13.97
N PHE A 287 10.17 1.50 13.08
CA PHE A 287 11.13 0.91 12.16
C PHE A 287 11.80 2.01 11.33
N ALA A 288 10.99 2.94 10.81
CA ALA A 288 11.49 4.05 10.02
C ALA A 288 12.48 4.89 10.84
N GLU A 289 12.10 5.15 12.08
CA GLU A 289 12.92 5.93 13.00
C GLU A 289 14.29 5.26 13.20
N GLN A 290 14.27 3.96 13.47
CA GLN A 290 15.49 3.21 13.71
C GLN A 290 16.38 3.05 12.48
N LEU A 291 15.77 2.88 11.31
CA LEU A 291 16.53 2.71 10.10
C LEU A 291 17.25 4.00 9.71
N VAL A 292 16.54 5.11 9.83
CA VAL A 292 17.09 6.42 9.52
C VAL A 292 18.28 6.68 10.44
N GLU A 293 18.18 6.21 11.68
CA GLU A 293 19.21 6.39 12.67
C GLU A 293 20.45 5.57 12.30
N GLU A 294 20.24 4.29 12.03
CA GLU A 294 21.33 3.41 11.66
C GLU A 294 21.98 3.80 10.33
N LEU A 295 21.26 4.54 9.49
CA LEU A 295 21.80 4.96 8.19
C LEU A 295 22.52 6.29 8.29
N GLY A 296 22.22 7.04 9.35
CA GLY A 296 22.85 8.33 9.54
C GLY A 296 22.20 9.44 8.75
N TRP A 297 20.96 9.24 8.32
CA TRP A 297 20.25 10.24 7.53
C TRP A 297 19.27 11.09 8.35
N GLN A 298 19.41 11.05 9.66
CA GLN A 298 18.52 11.80 10.56
C GLN A 298 18.36 13.24 10.13
N GLU A 299 19.43 13.85 9.64
CA GLU A 299 19.39 15.25 9.23
C GLU A 299 18.45 15.53 8.04
N ASP A 300 18.60 14.75 6.98
CA ASP A 300 17.75 14.92 5.79
C ASP A 300 16.31 14.56 6.12
N PHE A 301 16.15 13.53 6.92
CA PHE A 301 14.83 13.06 7.32
C PHE A 301 14.10 14.17 8.09
N GLU A 302 14.77 14.70 9.10
CA GLU A 302 14.17 15.77 9.90
C GLU A 302 13.72 16.91 9.00
N LYS A 303 14.55 17.24 8.01
CA LYS A 303 14.24 18.30 7.07
C LYS A 303 12.94 18.01 6.32
N ILE A 304 12.79 16.77 5.85
CA ILE A 304 11.60 16.37 5.12
C ILE A 304 10.38 16.43 6.03
N LEU A 305 10.52 15.87 7.23
CA LEU A 305 9.44 15.85 8.20
C LEU A 305 8.98 17.24 8.61
N THR A 306 9.90 18.22 8.62
CA THR A 306 9.55 19.57 9.00
C THR A 306 9.14 20.41 7.80
N ALA A 307 9.34 19.87 6.61
CA ALA A 307 8.98 20.58 5.39
C ALA A 307 7.48 20.59 5.17
N LYS B 1 -0.53 -12.92 -15.17
CA LYS B 1 -1.11 -11.76 -14.44
C LYS B 1 -1.34 -12.18 -12.98
N GLY B 2 -1.95 -13.34 -12.79
CA GLY B 2 -2.17 -13.82 -11.43
C GLY B 2 -3.60 -14.06 -11.01
N GLY B 3 -4.55 -13.67 -11.84
CA GLY B 3 -5.94 -13.86 -11.49
C GLY B 3 -6.60 -12.65 -10.86
N ALA B 4 -7.82 -12.84 -10.37
CA ALA B 4 -8.57 -11.74 -9.77
C ALA B 4 -8.28 -11.55 -8.29
N ARG B 6 -8.28 -11.54 -4.61
CA ARG B 6 -8.97 -12.51 -3.75
C ARG B 6 -8.15 -12.93 -2.53
N HIS B 7 -8.78 -13.72 -1.67
CA HIS B 7 -8.13 -14.24 -0.47
C HIS B 7 -7.57 -15.65 -0.69
#